data_3U6S
#
_entry.id   3U6S
#
_cell.length_a   45.188
_cell.length_b   93.541
_cell.length_c   104.650
_cell.angle_alpha   90.00
_cell.angle_beta   90.00
_cell.angle_gamma   90.00
#
_symmetry.space_group_name_H-M   'P 21 21 21'
#
loop_
_entity.id
_entity.type
_entity.pdbx_description
1 polymer 'Formamidopyrimidine-DNA glycosylase'
2 polymer "DNA (5'-D(*A*GP*GP*TP*AP*GP*AP*TP*CP*CP*AP*GP*AP*CP*GP*C)-3')"
3 polymer "DNA (5'-D(*TP*GP*CP*GP*TP*CP*TP*GP*GP*AP*(08Q)P*CP*TP*AP*CP*C)-3')"
4 non-polymer 'ZINC ION'
5 water water
#
loop_
_entity_poly.entity_id
_entity_poly.type
_entity_poly.pdbx_seq_one_letter_code
_entity_poly.pdbx_strand_id
1 'polypeptide(L)'
;PQLPEVETIRRTLLPLIVGKTIEDVRIFWPNIIRHPRDSEAFAARMIGQTVRGLERRGKFLKFLLDRDALISHLRMEGRY
AVASALEPLEPHTHVVFCFTDGSELRYRDVRKFGTMHVYAKEEADRRPPLAELGPEPLSPAFSPAVLAERAVKTKRSVKA
LLLDCTVVAGFGNIYVDESLFRAGILPGRPAASLSSKEIERLHEEMVATIGEAVMKGGSTPRTYVNTQGEAGTFQHHLYV
YGRQGNPCKRCGTPIEKTVVAGRGTHYCPRCQR
;
A
2 'polydeoxyribonucleotide' (DA)(DG)(DG)(DT)(DA)(DG)(DA)(DT)(DC)(DC)(DA)(DG)(DA)(DC)(DG)(DC) B
3 'polydeoxyribonucleotide' (DT)(DG)(DC)(DG)(DT)(DC)(DT)(DG)(DG)(DA)(08Q)(DC)(DT)(DA)(DC)(DC) C
#
loop_
_chem_comp.id
_chem_comp.type
_chem_comp.name
_chem_comp.formula
08Q non-polymer 5'-O-{(S)-hydroxy[(2-sulfanylethyl)amino]phosphoryl}thymidine 'C12 H20 N3 O7 P S'
DA DNA linking 2'-DEOXYADENOSINE-5'-MONOPHOSPHATE 'C10 H14 N5 O6 P'
DC DNA linking 2'-DEOXYCYTIDINE-5'-MONOPHOSPHATE 'C9 H14 N3 O7 P'
DG DNA linking 2'-DEOXYGUANOSINE-5'-MONOPHOSPHATE 'C10 H14 N5 O7 P'
DT DNA linking THYMIDINE-5'-MONOPHOSPHATE 'C10 H15 N2 O8 P'
ZN non-polymer 'ZINC ION' 'Zn 2'
#
# COMPACT_ATOMS: atom_id res chain seq x y z
N PRO A 1 5.05 -4.51 2.53
CA PRO A 1 5.45 -3.11 2.74
C PRO A 1 4.22 -2.21 2.89
N GLN A 2 4.33 -1.18 3.72
CA GLN A 2 3.25 -0.21 3.84
C GLN A 2 3.53 1.02 2.95
N LEU A 3 2.66 2.02 2.99
CA LEU A 3 2.75 3.13 2.05
C LEU A 3 4.13 3.81 1.98
N PRO A 4 4.70 4.17 3.15
CA PRO A 4 6.03 4.80 3.11
C PRO A 4 7.07 3.95 2.39
N GLU A 5 7.06 2.64 2.63
CA GLU A 5 8.01 1.73 2.00
C GLU A 5 7.77 1.66 0.50
N VAL A 6 6.50 1.67 0.11
CA VAL A 6 6.17 1.66 -1.32
C VAL A 6 6.67 2.94 -2.01
N GLU A 7 6.57 4.08 -1.31
CA GLU A 7 7.08 5.32 -1.88
C GLU A 7 8.60 5.26 -2.06
N THR A 8 9.30 4.68 -1.10
CA THR A 8 10.75 4.48 -1.22
C THR A 8 11.08 3.60 -2.43
N ILE A 9 10.32 2.54 -2.61
CA ILE A 9 10.50 1.66 -3.75
C ILE A 9 10.31 2.43 -5.06
N ARG A 10 9.25 3.22 -5.14
CA ARG A 10 8.98 4.00 -6.34
C ARG A 10 10.19 4.89 -6.69
N ARG A 11 10.70 5.59 -5.67
CA ARG A 11 11.80 6.53 -5.85
CA ARG A 11 11.80 6.53 -5.87
C ARG A 11 13.11 5.85 -6.24
N THR A 12 13.41 4.73 -5.59
CA THR A 12 14.69 4.04 -5.81
C THR A 12 14.69 3.15 -7.05
N LEU A 13 13.53 2.57 -7.36
CA LEU A 13 13.42 1.66 -8.50
C LEU A 13 13.46 2.40 -9.85
N LEU A 14 12.84 3.57 -9.92
CA LEU A 14 12.70 4.29 -11.20
C LEU A 14 13.99 4.46 -12.01
N PRO A 15 15.07 5.00 -11.40
CA PRO A 15 16.29 5.22 -12.20
C PRO A 15 16.95 3.91 -12.64
N LEU A 16 16.64 2.82 -11.96
CA LEU A 16 17.17 1.50 -12.29
C LEU A 16 16.48 0.86 -13.49
N ILE A 17 15.30 1.38 -13.87
CA ILE A 17 14.55 0.80 -14.98
C ILE A 17 14.16 1.79 -16.10
N VAL A 18 14.19 3.09 -15.82
CA VAL A 18 13.73 4.06 -16.83
C VAL A 18 14.56 3.98 -18.12
N GLY A 19 13.86 4.04 -19.26
CA GLY A 19 14.50 3.99 -20.56
C GLY A 19 14.87 2.59 -21.03
N LYS A 20 14.63 1.58 -20.21
CA LYS A 20 14.90 0.19 -20.60
C LYS A 20 13.71 -0.36 -21.36
N THR A 21 13.99 -1.22 -22.35
CA THR A 21 12.95 -1.77 -23.19
C THR A 21 12.71 -3.23 -22.83
N ILE A 22 11.46 -3.62 -22.67
CA ILE A 22 11.13 -5.00 -22.30
C ILE A 22 11.31 -5.91 -23.50
N GLU A 23 12.06 -6.99 -23.30
CA GLU A 23 12.28 -7.98 -24.33
C GLU A 23 11.54 -9.30 -24.03
N ASP A 24 11.23 -9.54 -22.77
CA ASP A 24 10.49 -10.75 -22.36
C ASP A 24 9.84 -10.54 -21.00
N VAL A 25 8.78 -11.30 -20.74
CA VAL A 25 8.13 -11.30 -19.42
C VAL A 25 7.89 -12.76 -19.05
N ARG A 26 8.45 -13.18 -17.92
CA ARG A 26 8.33 -14.58 -17.49
C ARG A 26 7.52 -14.69 -16.20
N ILE A 27 6.56 -15.62 -16.19
CA ILE A 27 5.62 -15.72 -15.08
C ILE A 27 5.62 -17.12 -14.46
N PHE A 28 5.90 -17.19 -13.17
CA PHE A 28 6.02 -18.49 -12.47
C PHE A 28 4.87 -18.78 -11.47
N TRP A 29 4.05 -17.78 -11.20
CA TRP A 29 2.80 -17.96 -10.45
C TRP A 29 1.76 -17.07 -11.09
N PRO A 30 0.99 -17.62 -12.04
CA PRO A 30 0.04 -16.87 -12.88
C PRO A 30 -1.07 -16.19 -12.09
N ASN A 31 -1.42 -16.73 -10.92
CA ASN A 31 -2.49 -16.15 -10.11
C ASN A 31 -2.22 -14.68 -9.76
N ILE A 32 -0.95 -14.29 -9.79
CA ILE A 32 -0.59 -12.91 -9.52
C ILE A 32 -1.11 -11.98 -10.61
N ILE A 33 -1.18 -12.49 -11.84
CA ILE A 33 -1.65 -11.70 -12.99
C ILE A 33 -3.17 -11.61 -12.95
N ARG A 34 -3.70 -10.40 -12.80
CA ARG A 34 -5.14 -10.22 -12.66
C ARG A 34 -5.81 -9.62 -13.91
N HIS A 35 -5.06 -8.86 -14.71
CA HIS A 35 -5.54 -8.39 -16.01
C HIS A 35 -4.39 -8.07 -16.96
N PRO A 36 -4.48 -8.51 -18.22
CA PRO A 36 -5.48 -9.45 -18.74
C PRO A 36 -5.49 -10.71 -17.87
N ARG A 37 -6.64 -11.39 -17.78
CA ARG A 37 -6.71 -12.61 -16.96
C ARG A 37 -5.71 -13.65 -17.45
N ASP A 38 -5.53 -13.71 -18.76
CA ASP A 38 -4.60 -14.64 -19.39
C ASP A 38 -3.18 -14.12 -19.25
N SER A 39 -2.36 -14.80 -18.45
CA SER A 39 -0.98 -14.37 -18.24
C SER A 39 -0.18 -14.29 -19.54
N GLU A 40 -0.56 -15.09 -20.55
CA GLU A 40 0.15 -15.04 -21.83
C GLU A 40 -0.08 -13.71 -22.57
N ALA A 41 -1.29 -13.16 -22.46
CA ALA A 41 -1.60 -11.88 -23.07
C ALA A 41 -0.91 -10.74 -22.32
N PHE A 42 -0.86 -10.85 -20.99
CA PHE A 42 -0.11 -9.93 -20.14
C PHE A 42 1.34 -9.82 -20.62
N ALA A 43 1.99 -10.97 -20.75
CA ALA A 43 3.39 -11.01 -21.17
C ALA A 43 3.58 -10.43 -22.58
N ALA A 44 2.73 -10.86 -23.50
CA ALA A 44 2.88 -10.51 -24.91
C ALA A 44 2.78 -9.00 -25.12
N ARG A 45 1.84 -8.37 -24.44
CA ARG A 45 1.57 -6.97 -24.75
C ARG A 45 2.69 -6.07 -24.26
N MET A 46 3.39 -6.51 -23.21
CA MET A 46 4.46 -5.71 -22.61
CA MET A 46 4.44 -5.67 -22.64
C MET A 46 5.72 -5.67 -23.46
N ILE A 47 5.98 -6.74 -24.18
CA ILE A 47 7.20 -6.84 -24.98
C ILE A 47 7.30 -5.71 -26.02
N GLY A 48 8.48 -5.09 -26.08
CA GLY A 48 8.74 -4.02 -27.03
C GLY A 48 8.48 -2.64 -26.45
N GLN A 49 7.83 -2.59 -25.30
CA GLN A 49 7.57 -1.31 -24.65
C GLN A 49 8.73 -0.88 -23.76
N THR A 50 8.95 0.41 -23.71
CA THR A 50 10.02 1.01 -22.92
C THR A 50 9.44 1.61 -21.65
N VAL A 51 10.13 1.41 -20.53
CA VAL A 51 9.71 2.00 -19.26
C VAL A 51 9.94 3.52 -19.31
N ARG A 52 8.89 4.30 -19.10
CA ARG A 52 8.99 5.75 -19.19
C ARG A 52 8.85 6.46 -17.84
N GLY A 53 8.20 5.80 -16.88
CA GLY A 53 7.97 6.40 -15.58
C GLY A 53 7.47 5.42 -14.55
N LEU A 54 7.38 5.87 -13.30
CA LEU A 54 6.92 5.04 -12.19
C LEU A 54 6.26 5.94 -11.15
N GLU A 55 4.96 5.74 -10.94
CA GLU A 55 4.20 6.54 -10.00
C GLU A 55 3.62 5.66 -8.89
N ARG A 56 3.12 6.28 -7.83
CA ARG A 56 2.49 5.53 -6.75
C ARG A 56 1.09 6.09 -6.49
N ARG A 57 0.14 5.18 -6.28
CA ARG A 57 -1.19 5.54 -5.80
C ARG A 57 -1.56 4.65 -4.61
N GLY A 58 -1.65 5.24 -3.42
CA GLY A 58 -1.83 4.45 -2.21
C GLY A 58 -0.65 3.52 -2.07
N LYS A 59 -0.92 2.22 -1.89
CA LYS A 59 0.15 1.24 -1.90
C LYS A 59 0.38 0.58 -3.27
N PHE A 60 -0.31 1.08 -4.31
CA PHE A 60 -0.09 0.58 -5.68
C PHE A 60 1.07 1.29 -6.38
N LEU A 61 1.88 0.51 -7.09
CA LEU A 61 2.89 1.08 -7.98
C LEU A 61 2.31 1.10 -9.40
N LYS A 62 2.51 2.19 -10.13
CA LYS A 62 2.05 2.31 -11.51
C LYS A 62 3.26 2.51 -12.41
N PHE A 63 3.66 1.44 -13.09
CA PHE A 63 4.75 1.52 -14.06
C PHE A 63 4.21 2.06 -15.37
N LEU A 64 4.75 3.17 -15.85
CA LEU A 64 4.30 3.74 -17.12
C LEU A 64 5.20 3.33 -18.28
N LEU A 65 4.61 2.68 -19.27
CA LEU A 65 5.34 2.25 -20.46
C LEU A 65 4.99 3.12 -21.68
N ASP A 66 5.12 2.59 -22.88
CA ASP A 66 4.80 3.38 -24.07
C ASP A 66 3.29 3.57 -24.25
N ARG A 67 2.57 2.46 -24.36
CA ARG A 67 1.13 2.47 -24.52
C ARG A 67 0.41 2.12 -23.22
N ASP A 68 1.01 1.21 -22.44
CA ASP A 68 0.36 0.63 -21.27
C ASP A 68 0.87 1.16 -19.92
N ALA A 69 0.09 0.89 -18.88
CA ALA A 69 0.53 1.03 -17.50
C ALA A 69 0.46 -0.35 -16.84
N LEU A 70 1.45 -0.65 -16.00
CA LEU A 70 1.41 -1.86 -15.16
C LEU A 70 1.12 -1.43 -13.73
N ILE A 71 0.01 -1.90 -13.18
CA ILE A 71 -0.37 -1.58 -11.80
C ILE A 71 -0.05 -2.76 -10.88
N SER A 72 0.78 -2.52 -9.88
CA SER A 72 1.33 -3.59 -9.03
C SER A 72 1.09 -3.35 -7.54
N HIS A 73 0.61 -4.38 -6.83
CA HIS A 73 0.47 -4.32 -5.37
C HIS A 73 1.27 -5.44 -4.72
N LEU A 74 2.08 -5.10 -3.72
CA LEU A 74 2.98 -6.05 -3.10
C LEU A 74 2.35 -6.81 -1.91
N ARG A 75 1.17 -6.36 -1.49
CA ARG A 75 0.53 -6.91 -0.28
C ARG A 75 1.54 -6.99 0.88
N MET A 76 1.56 -8.09 1.63
CA MET A 76 2.34 -8.13 2.87
C MET A 76 3.85 -8.27 2.68
N GLU A 77 4.24 -9.04 1.67
CA GLU A 77 5.63 -9.48 1.58
C GLU A 77 6.28 -9.32 0.20
N GLY A 78 5.58 -8.74 -0.76
CA GLY A 78 6.13 -8.59 -2.11
C GLY A 78 7.34 -7.66 -2.15
N ARG A 79 8.26 -7.91 -3.08
CA ARG A 79 9.48 -7.10 -3.23
C ARG A 79 9.95 -7.10 -4.68
N TYR A 80 10.51 -5.97 -5.13
CA TYR A 80 11.15 -5.87 -6.44
C TYR A 80 12.67 -5.71 -6.32
N ALA A 81 13.39 -6.27 -7.29
CA ALA A 81 14.83 -6.08 -7.39
C ALA A 81 15.22 -6.02 -8.85
N VAL A 82 16.30 -5.30 -9.16
CA VAL A 82 16.87 -5.28 -10.50
C VAL A 82 18.22 -5.98 -10.46
N ALA A 83 18.40 -6.94 -11.35
CA ALA A 83 19.64 -7.72 -11.35
C ALA A 83 19.90 -8.31 -12.72
N SER A 84 21.06 -8.96 -12.86
CA SER A 84 21.50 -9.50 -14.14
C SER A 84 20.75 -10.78 -14.50
N ALA A 85 20.45 -10.93 -15.78
CA ALA A 85 19.83 -12.13 -16.31
C ALA A 85 20.78 -13.32 -16.20
N LEU A 86 22.04 -13.06 -15.89
CA LEU A 86 23.05 -14.12 -15.83
C LEU A 86 23.10 -14.81 -14.46
N GLU A 87 22.50 -14.20 -13.45
CA GLU A 87 22.57 -14.74 -12.09
C GLU A 87 21.34 -15.57 -11.74
N PRO A 88 21.50 -16.59 -10.87
CA PRO A 88 20.33 -17.37 -10.43
C PRO A 88 19.31 -16.51 -9.71
N LEU A 89 18.02 -16.77 -9.94
CA LEU A 89 16.96 -16.06 -9.22
C LEU A 89 16.94 -16.42 -7.74
N GLU A 90 16.51 -15.47 -6.91
CA GLU A 90 16.34 -15.74 -5.49
C GLU A 90 15.06 -16.54 -5.27
N PRO A 91 14.94 -17.20 -4.10
CA PRO A 91 13.74 -18.01 -3.84
C PRO A 91 12.45 -17.16 -3.86
N HIS A 92 11.35 -17.78 -4.26
CA HIS A 92 10.03 -17.13 -4.27
C HIS A 92 9.91 -16.02 -5.33
N THR A 93 10.66 -16.12 -6.42
CA THR A 93 10.52 -15.17 -7.53
C THR A 93 9.41 -15.63 -8.47
N HIS A 94 8.37 -14.82 -8.61
CA HIS A 94 7.16 -15.23 -9.32
C HIS A 94 6.93 -14.53 -10.68
N VAL A 95 7.52 -13.36 -10.87
CA VAL A 95 7.42 -12.65 -12.15
C VAL A 95 8.74 -11.94 -12.44
N VAL A 96 9.17 -12.00 -13.70
CA VAL A 96 10.41 -11.35 -14.13
C VAL A 96 10.22 -10.60 -15.46
N PHE A 97 10.58 -9.32 -15.48
CA PHE A 97 10.58 -8.53 -16.70
C PHE A 97 12.01 -8.44 -17.21
N CYS A 98 12.26 -9.00 -18.39
CA CYS A 98 13.61 -9.00 -18.95
C CYS A 98 13.81 -7.83 -19.91
N PHE A 99 14.87 -7.05 -19.69
CA PHE A 99 15.15 -5.90 -20.56
C PHE A 99 16.19 -6.19 -21.65
N THR A 100 16.18 -5.39 -22.71
CA THR A 100 17.09 -5.60 -23.84
C THR A 100 18.57 -5.42 -23.47
N ASP A 101 18.85 -4.82 -22.31
CA ASP A 101 20.25 -4.63 -21.89
C ASP A 101 20.75 -5.76 -21.00
N GLY A 102 19.99 -6.86 -20.92
CA GLY A 102 20.41 -8.01 -20.13
C GLY A 102 20.17 -7.89 -18.64
N SER A 103 19.52 -6.82 -18.21
CA SER A 103 19.09 -6.69 -16.81
C SER A 103 17.63 -7.14 -16.71
N GLU A 104 17.15 -7.32 -15.48
CA GLU A 104 15.81 -7.83 -15.19
C GLU A 104 15.21 -7.12 -14.01
N LEU A 105 13.89 -6.88 -14.07
CA LEU A 105 13.13 -6.47 -12.91
C LEU A 105 12.43 -7.71 -12.34
N ARG A 106 12.77 -8.09 -11.11
CA ARG A 106 12.25 -9.32 -10.49
C ARG A 106 11.25 -9.05 -9.38
N TYR A 107 10.13 -9.76 -9.41
CA TYR A 107 9.13 -9.70 -8.33
C TYR A 107 9.15 -10.98 -7.47
N ARG A 108 9.42 -10.83 -6.18
N ARG A 108 9.43 -10.83 -6.18
CA ARG A 108 9.41 -11.93 -5.23
CA ARG A 108 9.43 -11.94 -5.23
C ARG A 108 8.25 -11.75 -4.26
C ARG A 108 8.38 -11.76 -4.14
N ASP A 109 7.75 -12.86 -3.72
CA ASP A 109 6.64 -12.79 -2.77
C ASP A 109 6.42 -14.17 -2.12
N VAL A 110 6.92 -14.35 -0.90
CA VAL A 110 6.80 -15.65 -0.26
C VAL A 110 5.33 -16.08 -0.09
N ARG A 111 4.45 -15.11 0.16
CA ARG A 111 3.04 -15.40 0.40
C ARG A 111 2.19 -15.48 -0.88
N LYS A 112 2.70 -14.90 -1.97
CA LYS A 112 2.01 -14.92 -3.27
C LYS A 112 0.70 -14.14 -3.28
N PHE A 113 0.59 -13.14 -2.41
CA PHE A 113 -0.63 -12.35 -2.32
C PHE A 113 -0.64 -11.14 -3.27
N GLY A 114 0.52 -10.79 -3.82
CA GLY A 114 0.62 -9.61 -4.66
C GLY A 114 -0.19 -9.72 -5.95
N THR A 115 -0.47 -8.57 -6.58
CA THR A 115 -1.29 -8.55 -7.80
C THR A 115 -0.68 -7.65 -8.89
N MET A 116 -0.97 -7.98 -10.15
CA MET A 116 -0.54 -7.18 -11.30
C MET A 116 -1.67 -7.03 -12.31
N HIS A 117 -1.93 -5.79 -12.74
CA HIS A 117 -2.94 -5.49 -13.76
C HIS A 117 -2.27 -4.62 -14.82
N VAL A 118 -2.49 -4.91 -16.10
CA VAL A 118 -1.99 -4.04 -17.19
C VAL A 118 -3.17 -3.52 -18.04
N TYR A 119 -3.19 -2.22 -18.28
CA TYR A 119 -4.19 -1.60 -19.16
C TYR A 119 -3.52 -0.51 -20.01
N ALA A 120 -4.17 -0.12 -21.09
CA ALA A 120 -3.72 1.09 -21.79
C ALA A 120 -3.67 2.21 -20.76
N LYS A 121 -2.65 3.06 -20.85
CA LYS A 121 -2.46 4.14 -19.87
C LYS A 121 -3.75 4.89 -19.55
N GLU A 122 -4.45 5.28 -20.59
CA GLU A 122 -5.62 6.16 -20.45
C GLU A 122 -6.78 5.48 -19.71
N GLU A 123 -6.71 4.16 -19.57
CA GLU A 123 -7.77 3.39 -18.91
C GLU A 123 -7.45 3.03 -17.47
N ALA A 124 -6.17 2.97 -17.13
CA ALA A 124 -5.75 2.45 -15.83
C ALA A 124 -6.50 3.04 -14.63
N ASP A 125 -6.68 4.36 -14.63
CA ASP A 125 -7.29 5.03 -13.49
C ASP A 125 -8.78 4.78 -13.36
N ARG A 126 -9.41 4.29 -14.42
CA ARG A 126 -10.85 4.01 -14.35
C ARG A 126 -11.18 2.51 -14.33
N ARG A 127 -10.17 1.69 -14.10
CA ARG A 127 -10.35 0.25 -13.96
C ARG A 127 -9.80 -0.21 -12.62
N PRO A 128 -10.19 -1.43 -12.18
CA PRO A 128 -9.55 -1.93 -10.96
C PRO A 128 -8.08 -2.21 -11.23
N PRO A 129 -7.24 -2.15 -10.20
CA PRO A 129 -7.66 -1.93 -8.81
C PRO A 129 -7.60 -0.46 -8.40
N LEU A 130 -7.37 0.45 -9.35
CA LEU A 130 -7.24 1.87 -9.02
C LEU A 130 -8.58 2.58 -8.92
N ALA A 131 -9.57 2.07 -9.66
CA ALA A 131 -10.90 2.67 -9.63
C ALA A 131 -11.41 2.72 -8.19
N GLU A 132 -11.99 3.86 -7.82
CA GLU A 132 -12.58 4.02 -6.49
C GLU A 132 -11.56 4.27 -5.39
N LEU A 133 -10.27 4.18 -5.70
CA LEU A 133 -9.24 4.49 -4.72
C LEU A 133 -9.49 5.89 -4.16
N GLY A 134 -9.43 6.02 -2.85
CA GLY A 134 -9.63 7.31 -2.20
C GLY A 134 -8.41 8.18 -2.36
N PRO A 135 -8.44 9.39 -1.80
CA PRO A 135 -7.36 10.37 -1.96
C PRO A 135 -6.09 9.99 -1.20
N GLU A 136 -4.95 10.47 -1.67
CA GLU A 136 -3.69 10.26 -0.97
C GLU A 136 -3.79 10.88 0.42
N PRO A 137 -3.35 10.14 1.45
CA PRO A 137 -3.44 10.68 2.81
C PRO A 137 -2.64 11.97 2.98
N LEU A 138 -1.63 12.19 2.14
CA LEU A 138 -0.79 13.38 2.26
C LEU A 138 -1.20 14.50 1.30
N SER A 139 -2.38 14.37 0.70
CA SER A 139 -2.85 15.38 -0.24
C SER A 139 -3.99 16.21 0.36
N PRO A 140 -4.15 17.45 -0.13
CA PRO A 140 -5.25 18.30 0.33
C PRO A 140 -6.61 17.64 0.07
N ALA A 141 -6.65 16.67 -0.84
CA ALA A 141 -7.89 15.98 -1.15
C ALA A 141 -8.38 15.10 -0.01
N PHE A 142 -7.45 14.64 0.84
CA PHE A 142 -7.84 13.96 2.07
C PHE A 142 -7.91 14.99 3.19
N SER A 143 -9.13 15.42 3.52
CA SER A 143 -9.33 16.48 4.48
C SER A 143 -10.15 15.99 5.66
N PRO A 144 -10.10 16.73 6.78
CA PRO A 144 -10.98 16.36 7.90
C PRO A 144 -12.41 16.29 7.42
N ALA A 145 -12.77 17.16 6.49
CA ALA A 145 -14.13 17.24 5.98
C ALA A 145 -14.52 15.95 5.28
N VAL A 146 -13.61 15.43 4.46
CA VAL A 146 -13.85 14.18 3.75
C VAL A 146 -13.98 13.01 4.73
N LEU A 147 -13.08 12.97 5.70
CA LEU A 147 -13.11 11.92 6.73
C LEU A 147 -14.41 11.99 7.54
N ALA A 148 -14.80 13.19 7.93
CA ALA A 148 -16.06 13.39 8.65
C ALA A 148 -17.26 12.84 7.88
N GLU A 149 -17.32 13.18 6.60
CA GLU A 149 -18.45 12.76 5.76
C GLU A 149 -18.58 11.25 5.72
N ARG A 150 -17.45 10.55 5.62
CA ARG A 150 -17.45 9.10 5.59
C ARG A 150 -17.79 8.51 6.95
N ALA A 151 -17.27 9.12 8.00
CA ALA A 151 -17.48 8.62 9.37
C ALA A 151 -18.95 8.62 9.76
N VAL A 152 -19.65 9.69 9.43
CA VAL A 152 -21.05 9.84 9.84
C VAL A 152 -21.99 8.88 9.11
N LYS A 153 -21.56 8.40 7.95
CA LYS A 153 -22.41 7.57 7.10
C LYS A 153 -22.48 6.12 7.55
N THR A 154 -21.44 5.66 8.24
CA THR A 154 -21.25 4.23 8.45
C THR A 154 -21.54 3.78 9.89
N LYS A 155 -21.83 2.49 10.04
CA LYS A 155 -22.02 1.90 11.36
C LYS A 155 -20.74 1.22 11.85
N ARG A 156 -19.74 1.15 10.98
CA ARG A 156 -18.50 0.43 11.27
C ARG A 156 -17.62 1.14 12.30
N SER A 157 -16.62 0.43 12.79
CA SER A 157 -15.64 1.00 13.72
C SER A 157 -14.75 2.00 13.00
N VAL A 158 -14.13 2.87 13.76
CA VAL A 158 -13.21 3.86 13.18
C VAL A 158 -12.02 3.16 12.53
N LYS A 159 -11.55 2.06 13.12
CA LYS A 159 -10.49 1.29 12.51
C LYS A 159 -10.89 0.76 11.13
N ALA A 160 -12.08 0.17 11.05
CA ALA A 160 -12.59 -0.34 9.77
C ALA A 160 -12.63 0.77 8.72
N LEU A 161 -13.04 1.96 9.14
CA LEU A 161 -13.13 3.10 8.23
C LEU A 161 -11.77 3.46 7.65
N LEU A 162 -10.75 3.52 8.50
CA LEU A 162 -9.42 3.94 8.08
C LEU A 162 -8.76 2.90 7.19
N LEU A 163 -9.14 1.64 7.37
CA LEU A 163 -8.59 0.56 6.56
C LEU A 163 -9.24 0.50 5.17
N ASP A 164 -10.34 1.22 5.01
CA ASP A 164 -11.10 1.23 3.75
C ASP A 164 -10.39 2.04 2.67
N CYS A 165 -9.96 1.37 1.60
CA CYS A 165 -9.22 2.03 0.53
C CYS A 165 -10.00 3.15 -0.18
N THR A 166 -11.33 3.11 -0.12
CA THR A 166 -12.14 4.13 -0.78
C THR A 166 -12.21 5.42 0.04
N VAL A 167 -11.90 5.30 1.33
CA VAL A 167 -11.87 6.44 2.24
C VAL A 167 -10.57 7.20 2.10
N VAL A 168 -9.46 6.46 2.15
CA VAL A 168 -8.13 7.04 2.08
C VAL A 168 -7.19 5.98 1.51
N ALA A 169 -6.26 6.40 0.66
CA ALA A 169 -5.46 5.45 -0.12
C ALA A 169 -4.28 4.83 0.63
N GLY A 170 -4.38 3.53 0.92
CA GLY A 170 -3.24 2.75 1.38
C GLY A 170 -2.77 2.96 2.81
N PHE A 171 -3.71 3.25 3.71
CA PHE A 171 -3.40 3.52 5.11
C PHE A 171 -3.53 2.22 5.91
N GLY A 172 -2.41 1.59 6.23
CA GLY A 172 -2.40 0.23 6.78
C GLY A 172 -2.50 0.08 8.28
N ASN A 173 -2.60 -1.17 8.74
CA ASN A 173 -2.81 -1.50 10.15
C ASN A 173 -1.87 -0.81 11.13
N ILE A 174 -0.58 -0.86 10.83
CA ILE A 174 0.39 -0.25 11.73
C ILE A 174 0.07 1.24 11.92
N TYR A 175 -0.20 1.95 10.83
CA TYR A 175 -0.47 3.38 10.91
C TYR A 175 -1.85 3.70 11.47
N VAL A 176 -2.82 2.82 11.21
CA VAL A 176 -4.14 2.97 11.84
C VAL A 176 -4.02 2.91 13.36
N ASP A 177 -3.39 1.85 13.88
CA ASP A 177 -3.25 1.69 15.33
C ASP A 177 -2.43 2.82 15.95
N GLU A 178 -1.33 3.18 15.30
CA GLU A 178 -0.48 4.24 15.82
C GLU A 178 -1.19 5.59 15.80
N SER A 179 -1.88 5.88 14.69
CA SER A 179 -2.64 7.12 14.56
C SER A 179 -3.76 7.21 15.58
N LEU A 180 -4.46 6.11 15.81
CA LEU A 180 -5.53 6.08 16.81
C LEU A 180 -4.98 6.27 18.23
N PHE A 181 -3.86 5.64 18.54
CA PHE A 181 -3.23 5.87 19.84
C PHE A 181 -2.87 7.35 20.01
N ARG A 182 -2.21 7.91 19.00
CA ARG A 182 -1.77 9.30 19.06
C ARG A 182 -2.93 10.28 19.16
N ALA A 183 -4.08 9.89 18.62
CA ALA A 183 -5.28 10.72 18.66
C ALA A 183 -6.13 10.45 19.90
N GLY A 184 -5.77 9.43 20.67
CA GLY A 184 -6.48 9.09 21.90
C GLY A 184 -7.85 8.46 21.71
N ILE A 185 -8.01 7.71 20.63
CA ILE A 185 -9.31 7.12 20.26
C ILE A 185 -9.21 5.60 20.21
N LEU A 186 -10.10 4.90 20.90
CA LEU A 186 -10.11 3.44 20.85
C LEU A 186 -10.51 2.97 19.45
N PRO A 187 -9.81 1.94 18.93
CA PRO A 187 -10.05 1.51 17.55
C PRO A 187 -11.44 0.88 17.34
N GLY A 188 -12.04 0.41 18.42
CA GLY A 188 -13.34 -0.23 18.35
C GLY A 188 -14.50 0.74 18.38
N ARG A 189 -14.21 2.02 18.62
CA ARG A 189 -15.25 3.04 18.65
C ARG A 189 -16.01 3.08 17.32
N PRO A 190 -17.35 3.13 17.36
CA PRO A 190 -18.07 3.38 16.11
C PRO A 190 -17.57 4.66 15.48
N ALA A 191 -17.30 4.63 14.17
CA ALA A 191 -16.80 5.80 13.47
C ALA A 191 -17.74 6.99 13.63
N ALA A 192 -19.04 6.70 13.61
CA ALA A 192 -20.05 7.73 13.73
C ALA A 192 -20.10 8.35 15.13
N SER A 193 -19.42 7.71 16.08
CA SER A 193 -19.42 8.18 17.47
C SER A 193 -18.35 9.25 17.70
N LEU A 194 -17.48 9.45 16.71
CA LEU A 194 -16.42 10.45 16.84
C LEU A 194 -16.96 11.87 16.67
N SER A 195 -16.54 12.75 17.59
CA SER A 195 -16.89 14.16 17.52
C SER A 195 -16.09 14.84 16.43
N SER A 196 -16.48 16.07 16.08
CA SER A 196 -15.75 16.86 15.10
C SER A 196 -14.30 17.03 15.55
N LYS A 197 -14.13 17.23 16.85
CA LYS A 197 -12.82 17.42 17.44
C LYS A 197 -11.97 16.16 17.28
N GLU A 198 -12.58 15.00 17.51
CA GLU A 198 -11.89 13.73 17.35
C GLU A 198 -11.54 13.49 15.88
N ILE A 199 -12.45 13.80 14.97
CA ILE A 199 -12.15 13.64 13.54
C ILE A 199 -10.97 14.51 13.15
N GLU A 200 -10.98 15.76 13.60
CA GLU A 200 -9.94 16.71 13.27
C GLU A 200 -8.59 16.21 13.77
N ARG A 201 -8.58 15.74 15.02
CA ARG A 201 -7.39 15.25 15.67
C ARG A 201 -6.90 13.97 14.99
N LEU A 202 -7.83 13.10 14.62
CA LEU A 202 -7.47 11.86 13.96
C LEU A 202 -6.83 12.16 12.61
N HIS A 203 -7.43 13.09 11.86
CA HIS A 203 -6.86 13.47 10.57
C HIS A 203 -5.44 14.00 10.75
N GLU A 204 -5.25 14.85 11.74
CA GLU A 204 -3.96 15.44 12.01
C GLU A 204 -2.91 14.38 12.31
N GLU A 205 -3.28 13.40 13.13
CA GLU A 205 -2.34 12.36 13.54
C GLU A 205 -2.07 11.37 12.41
N MET A 206 -3.07 11.15 11.56
CA MET A 206 -2.88 10.31 10.38
C MET A 206 -1.82 10.92 9.45
N VAL A 207 -2.00 12.19 9.12
CA VAL A 207 -1.07 12.90 8.25
C VAL A 207 0.34 12.98 8.87
N ALA A 208 0.39 13.29 10.17
CA ALA A 208 1.68 13.34 10.86
C ALA A 208 2.36 11.98 10.89
N THR A 209 1.59 10.94 11.22
CA THR A 209 2.16 9.61 11.40
C THR A 209 2.72 9.07 10.09
N ILE A 210 1.93 9.12 9.04
CA ILE A 210 2.40 8.58 7.77
C ILE A 210 3.39 9.53 7.08
N GLY A 211 3.20 10.84 7.27
CA GLY A 211 4.12 11.83 6.75
C GLY A 211 5.52 11.67 7.33
N GLU A 212 5.60 11.45 8.63
CA GLU A 212 6.88 11.20 9.29
C GLU A 212 7.55 9.97 8.71
N ALA A 213 6.78 8.91 8.49
CA ALA A 213 7.34 7.66 7.99
C ALA A 213 7.83 7.80 6.54
N VAL A 214 7.09 8.53 5.71
CA VAL A 214 7.51 8.69 4.32
C VAL A 214 8.83 9.46 4.22
N MET A 215 9.02 10.40 5.14
CA MET A 215 10.27 11.17 5.18
C MET A 215 11.45 10.29 5.59
N HIS A 237 10.15 3.36 18.10
CA HIS A 237 9.41 4.53 17.63
C HIS A 237 7.91 4.24 17.52
N LEU A 238 7.51 3.04 17.93
CA LEU A 238 6.11 2.67 17.92
C LEU A 238 5.53 2.75 19.34
N TYR A 239 4.28 3.18 19.43
CA TYR A 239 3.61 3.30 20.72
C TYR A 239 2.82 2.05 21.09
N VAL A 240 2.17 1.43 20.11
CA VAL A 240 1.29 0.31 20.43
C VAL A 240 1.46 -0.90 19.52
N TYR A 241 1.68 -0.67 18.23
CA TYR A 241 1.72 -1.77 17.29
C TYR A 241 2.81 -2.79 17.65
N GLY A 242 2.37 -4.01 17.94
CA GLY A 242 3.28 -5.09 18.26
C GLY A 242 3.82 -5.03 19.67
N ARG A 243 3.23 -4.17 20.50
CA ARG A 243 3.76 -3.96 21.84
C ARG A 243 2.88 -4.58 22.94
N GLN A 244 1.97 -5.46 22.56
CA GLN A 244 1.06 -6.08 23.54
C GLN A 244 1.82 -6.69 24.73
N GLY A 245 1.33 -6.43 25.93
CA GLY A 245 1.95 -6.94 27.14
C GLY A 245 3.09 -6.08 27.65
N ASN A 246 3.51 -5.11 26.86
CA ASN A 246 4.53 -4.16 27.28
C ASN A 246 3.88 -2.88 27.78
N PRO A 247 4.59 -2.12 28.62
CA PRO A 247 4.05 -0.87 29.17
C PRO A 247 3.86 0.19 28.08
N CYS A 248 2.72 0.86 28.10
CA CYS A 248 2.52 2.04 27.27
C CYS A 248 3.64 3.02 27.55
N LYS A 249 4.17 3.64 26.48
CA LYS A 249 5.30 4.55 26.62
C LYS A 249 4.87 5.88 27.22
N ARG A 250 3.56 6.10 27.33
N ARG A 250 3.56 6.10 27.30
CA ARG A 250 3.04 7.36 27.85
CA ARG A 250 3.01 7.34 27.82
C ARG A 250 2.38 7.24 29.23
C ARG A 250 2.52 7.18 29.27
N CYS A 251 1.89 6.05 29.58
CA CYS A 251 1.24 5.88 30.89
C CYS A 251 1.64 4.62 31.65
N GLY A 252 2.37 3.71 31.01
CA GLY A 252 2.84 2.51 31.67
C GLY A 252 1.81 1.38 31.78
N THR A 253 0.58 1.64 31.33
CA THR A 253 -0.44 0.60 31.34
C THR A 253 -0.09 -0.44 30.27
N PRO A 254 -0.25 -1.74 30.59
CA PRO A 254 0.08 -2.73 29.57
C PRO A 254 -0.74 -2.56 28.31
N ILE A 255 -0.07 -2.55 27.17
CA ILE A 255 -0.73 -2.47 25.89
C ILE A 255 -1.53 -3.75 25.67
N GLU A 256 -2.73 -3.61 25.14
CA GLU A 256 -3.56 -4.78 24.90
C GLU A 256 -3.69 -5.03 23.40
N LYS A 257 -3.97 -6.29 23.05
CA LYS A 257 -4.21 -6.66 21.67
C LYS A 257 -5.49 -7.49 21.60
N THR A 258 -6.42 -7.06 20.76
CA THR A 258 -7.64 -7.81 20.52
C THR A 258 -7.93 -7.76 19.04
N VAL A 259 -9.04 -8.37 18.62
CA VAL A 259 -9.43 -8.34 17.23
C VAL A 259 -10.46 -7.24 17.02
N VAL A 260 -10.17 -6.34 16.08
CA VAL A 260 -11.08 -5.27 15.70
C VAL A 260 -11.09 -5.15 14.19
N ALA A 261 -12.28 -5.03 13.61
CA ALA A 261 -12.45 -5.06 12.15
C ALA A 261 -11.75 -6.28 11.55
N GLY A 262 -11.77 -7.39 12.28
CA GLY A 262 -11.21 -8.64 11.81
C GLY A 262 -9.69 -8.69 11.82
N ARG A 263 -9.04 -7.67 12.40
CA ARG A 263 -7.59 -7.59 12.38
C ARG A 263 -6.99 -7.48 13.79
N GLY A 264 -5.78 -7.98 13.96
CA GLY A 264 -5.05 -7.81 15.21
C GLY A 264 -4.90 -6.34 15.46
N THR A 265 -5.33 -5.89 16.64
CA THR A 265 -5.42 -4.46 16.91
C THR A 265 -4.84 -4.15 18.28
N HIS A 266 -3.94 -3.16 18.32
CA HIS A 266 -3.21 -2.82 19.53
C HIS A 266 -3.63 -1.44 20.03
N TYR A 267 -3.75 -1.30 21.36
CA TYR A 267 -4.17 -0.04 21.93
C TYR A 267 -3.81 0.01 23.41
N CYS A 268 -3.76 1.22 23.95
CA CYS A 268 -3.64 1.41 25.37
C CYS A 268 -5.02 1.73 25.91
N PRO A 269 -5.52 0.92 26.86
CA PRO A 269 -6.89 1.09 27.37
C PRO A 269 -7.04 2.33 28.26
N ARG A 270 -5.92 2.93 28.64
CA ARG A 270 -5.95 4.15 29.44
C ARG A 270 -5.85 5.42 28.58
N CYS A 271 -4.89 5.45 27.66
CA CYS A 271 -4.69 6.61 26.78
C CYS A 271 -5.79 6.78 25.74
N GLN A 272 -6.40 5.68 25.33
CA GLN A 272 -7.42 5.73 24.28
C GLN A 272 -8.80 5.51 24.87
N ARG A 273 -9.78 6.30 24.39
CA ARG A 273 -11.15 6.26 24.92
C ARG A 273 -12.20 6.24 23.81
P 08Q C 11 -9.36 -3.12 -4.63
OP1 08Q C 11 -10.70 -3.57 -4.21
C8' 08Q C 11 -8.83 0.37 -3.09
C7' 08Q C 11 -8.87 -1.11 -3.40
C5' 08Q C 11 -8.85 -5.06 -6.32
O5' 08Q C 11 -9.08 -3.65 -6.09
C4' 08Q C 11 -10.08 -6.01 -6.02
O4' 08Q C 11 -10.38 -5.95 -4.55
C3' 08Q C 11 -11.41 -6.42 -6.41
O3' 08Q C 11 -11.41 -6.91 -7.76
C2' 08Q C 11 -11.76 -7.57 -5.31
C1' 08Q C 11 -11.62 -6.72 -4.27
N1 08Q C 11 -11.78 -6.81 -2.85
C2 08Q C 11 -11.93 -8.05 -2.22
O2 08Q C 11 -11.86 -9.09 -2.88
N3 08Q C 11 -12.13 -8.13 -0.85
C4 08Q C 11 -12.23 -6.97 -0.08
N4 08Q C 11 -9.41 -1.49 -4.72
O4 08Q C 11 -12.40 -7.05 1.13
C5 08Q C 11 -12.11 -5.73 -0.71
C7 08Q C 11 -12.20 -4.45 0.14
C6 08Q C 11 -11.89 -5.64 -2.06
S 08Q C 11 -10.51 1.05 -3.07
ZN ZN D . -1.21 4.67 27.75
#